data_5V9P
#
_entry.id   5V9P
#
_cell.length_a   158.949
_cell.length_b   158.949
_cell.length_c   90.594
_cell.angle_alpha   90.000
_cell.angle_beta   90.000
_cell.angle_gamma   120.000
#
_symmetry.space_group_name_H-M   'P 31 2 1'
#
loop_
_entity.id
_entity.type
_entity.pdbx_description
1 polymer 'Lysine-specific demethylase 5A'
2 polymer 'Lysine-specific demethylase 5A'
3 non-polymer 'NICKEL (II) ION'
4 non-polymer 'ZINC ION'
5 non-polymer [(3S)-3-(4-bromo-1H-pyrazol-1-yl)pyrrolidin-1-yl][3-(propan-2-yl)-1H-pyrazol-5-yl]methanone
6 non-polymer 'SULFATE ION'
7 water water
#
loop_
_entity_poly.entity_id
_entity_poly.type
_entity_poly.pdbx_seq_one_letter_code
_entity_poly.pdbx_strand_id
1 'polypeptide(L)'
;SEFVPPPECPVFEPSWEEFTDPLSFIGRIRPLAEKTGICKIRPPKDWQPPFACEVKSFRFTPRVQRLNELEAMTRVRLDF
LDQLAKFWELQGSTLKIPVVERKILDLYALSKIVASKGGFEMVTKEKKWSKVGSRLGYLPGKGTGSLLKSHYERILYPYE
LFQSGVSLMGVQMPNLDLKEKVEPEVLSTDTQTSPEPGTRMNILPKRTRRVKTQSESGDVSRNTELKKLQIFGAGPKVVG
LAMGTKDKEDEVTRRRKVTNRSDAFNMQMRQRKGTLSVNFVDLYVCMFCGRGNNEDKLLLCDGCDDSYHTFCLIPPLPDV
PKGDWRCPKCVAEECSKPREAFGFEQAVREYTLQSFGEMADNFKSDYFNMPVHMVPTELVEKEFWRLVSSIEEDVIVEYG
ADISSKDFGSGFPVKDGRRKILPEEEEYALSGWNLNNMPVLEQSVLAHINVDISGMKVPWLYVGMCFSSFCWHIEDHWSY
SINYLHWGEPKTWYGVPSHAAEQLEEVMRELAPELFESQPDLLHQLVTIMNPNVLMEHGVPVYRTNQCAGEFVVTFPRAY
HSGFNQGYNFAEAVNFCTADWLPIGRQCVNHYRRLRRHCVFSHEELIFKMAADPECLDVGLAAMVCKELTLMTEEETRLR
ESVVQMGVLMSEEEVFELVPDDERQCSACRTTCFLSALTCSCNPERLVCLYHPTDLCPCPMQKKCLRYRYPLEDLPSLLY
GVKVRAQSYDTWVSRVTEALSANFNHKKDLIELRVMLEDAEDRKYPENDLFRKLRDAVKEAETCASVGNS
;
A
2 'polypeptide(L)' (UNK)(UNK)(UNK)(UNK)(UNK)(UNK)(UNK)(UNK)(UNK)(UNK) B
#
loop_
_chem_comp.id
_chem_comp.type
_chem_comp.name
_chem_comp.formula
90S non-polymer [(3S)-3-(4-bromo-1H-pyrazol-1-yl)pyrrolidin-1-yl][3-(propan-2-yl)-1H-pyrazol-5-yl]methanone 'C14 H18 Br N5 O'
NI non-polymer 'NICKEL (II) ION' 'Ni 2'
SO4 non-polymer 'SULFATE ION' 'O4 S -2'
ZN non-polymer 'ZINC ION' 'Zn 2'
#
# COMPACT_ATOMS: atom_id res chain seq x y z
N GLU A 2 -8.61 -10.32 29.54
CA GLU A 2 -7.96 -11.50 28.98
C GLU A 2 -6.86 -11.09 28.00
N PHE A 3 -7.03 -9.94 27.36
CA PHE A 3 -6.09 -9.46 26.36
C PHE A 3 -4.93 -8.70 27.01
N VAL A 4 -3.73 -8.90 26.49
CA VAL A 4 -2.49 -8.46 27.11
C VAL A 4 -1.90 -7.33 26.27
N PRO A 5 -1.91 -6.09 26.75
CA PRO A 5 -1.34 -4.97 25.98
C PRO A 5 0.14 -5.19 25.70
N PRO A 6 0.59 -4.97 24.47
CA PRO A 6 2.02 -5.11 24.18
C PRO A 6 2.83 -3.92 24.67
N PRO A 7 4.15 -4.00 24.59
CA PRO A 7 4.99 -2.87 24.99
C PRO A 7 4.84 -1.67 24.09
N GLU A 8 5.04 -0.49 24.66
CA GLU A 8 4.77 0.74 23.96
C GLU A 8 5.92 1.15 23.04
N CYS A 9 5.57 1.66 21.90
CA CYS A 9 6.54 2.19 20.96
C CYS A 9 7.00 3.57 21.43
N PRO A 10 8.22 3.95 21.07
CA PRO A 10 8.78 5.20 21.59
C PRO A 10 8.08 6.42 21.02
N VAL A 11 7.92 7.44 21.84
CA VAL A 11 7.47 8.74 21.39
C VAL A 11 8.69 9.65 21.22
N PHE A 12 8.54 10.71 20.44
CA PHE A 12 9.62 11.68 20.26
C PHE A 12 9.03 13.08 20.38
N GLU A 13 9.58 13.87 21.29
CA GLU A 13 9.12 15.24 21.51
C GLU A 13 10.23 16.16 21.06
N PRO A 14 10.30 16.46 19.77
CA PRO A 14 11.39 17.30 19.27
C PRO A 14 11.28 18.74 19.71
N SER A 15 12.45 19.38 19.82
CA SER A 15 12.53 20.82 19.97
C SER A 15 12.07 21.52 18.70
N TRP A 16 11.93 22.84 18.78
CA TRP A 16 11.51 23.62 17.61
C TRP A 16 12.58 23.61 16.54
N GLU A 17 13.84 23.45 16.90
CA GLU A 17 14.90 23.42 15.91
C GLU A 17 14.95 22.09 15.20
N GLU A 18 14.86 20.98 15.94
CA GLU A 18 14.76 19.66 15.32
C GLU A 18 13.55 19.59 14.41
N PHE A 19 12.44 20.17 14.85
CA PHE A 19 11.14 20.11 14.21
C PHE A 19 11.08 20.89 12.92
N THR A 20 12.18 21.50 12.51
CA THR A 20 12.13 22.36 11.34
C THR A 20 12.33 21.60 10.04
N ASP A 21 13.08 20.51 10.07
CA ASP A 21 13.28 19.67 8.89
C ASP A 21 12.79 18.27 9.22
N PRO A 22 11.55 17.92 8.83
CA PRO A 22 11.00 16.63 9.26
C PRO A 22 11.86 15.44 8.85
N LEU A 23 12.18 15.31 7.57
CA LEU A 23 12.89 14.12 7.10
C LEU A 23 14.28 13.99 7.73
N SER A 24 14.93 15.10 8.07
CA SER A 24 16.19 15.02 8.79
C SER A 24 15.97 14.54 10.21
N PHE A 25 14.92 15.04 10.85
CA PHE A 25 14.55 14.54 12.16
C PHE A 25 14.12 13.08 12.12
N ILE A 26 13.55 12.63 11.01
CA ILE A 26 13.15 11.22 10.92
C ILE A 26 14.35 10.34 10.65
N GLY A 27 15.40 10.85 10.03
CA GLY A 27 16.59 10.06 9.90
C GLY A 27 17.39 9.99 11.17
N ARG A 28 17.14 10.93 12.08
CA ARG A 28 17.82 10.92 13.36
C ARG A 28 17.29 9.81 14.25
N ILE A 29 15.97 9.66 14.30
CA ILE A 29 15.35 8.67 15.15
C ILE A 29 15.26 7.33 14.46
N ARG A 30 15.63 7.25 13.18
CA ARG A 30 15.49 6.00 12.46
C ARG A 30 16.21 4.85 13.14
N PRO A 31 17.52 4.96 13.43
CA PRO A 31 18.23 3.81 13.99
C PRO A 31 17.54 3.19 15.19
N LEU A 32 16.75 3.99 15.88
CA LEU A 32 16.03 3.60 17.06
C LEU A 32 14.57 3.18 16.76
N ALA A 33 13.82 4.03 16.06
CA ALA A 33 12.42 3.71 15.79
C ALA A 33 12.29 2.54 14.82
N GLU A 34 13.20 2.45 13.87
CA GLU A 34 13.30 1.33 12.94
C GLU A 34 13.09 0.00 13.67
N LYS A 35 13.59 -0.09 14.91
CA LYS A 35 13.57 -1.33 15.69
C LYS A 35 12.20 -1.61 16.33
N THR A 36 11.26 -0.68 16.26
CA THR A 36 9.90 -0.92 16.70
C THR A 36 8.92 -0.90 15.56
N GLY A 37 9.34 -0.51 14.37
CA GLY A 37 8.46 -0.50 13.21
C GLY A 37 7.64 0.76 13.11
N ILE A 38 7.11 1.23 14.24
CA ILE A 38 6.33 2.45 14.31
C ILE A 38 6.84 3.33 15.43
N CYS A 39 6.35 4.56 15.45
CA CYS A 39 6.72 5.44 16.54
C CYS A 39 5.84 6.67 16.48
N LYS A 40 5.68 7.31 17.62
CA LYS A 40 4.83 8.47 17.78
C LYS A 40 5.69 9.73 17.82
N ILE A 41 5.13 10.85 17.40
CA ILE A 41 5.88 12.11 17.37
C ILE A 41 4.97 13.25 17.82
N ARG A 42 5.35 13.92 18.91
CA ARG A 42 4.58 15.02 19.44
C ARG A 42 5.18 16.33 18.97
N PRO A 43 4.51 17.09 18.12
CA PRO A 43 5.04 18.39 17.76
C PRO A 43 5.00 19.31 18.97
N PRO A 44 5.82 20.35 18.99
CA PRO A 44 5.71 21.37 20.02
C PRO A 44 4.25 21.71 20.32
N LYS A 45 3.92 21.92 21.60
CA LYS A 45 2.51 22.14 21.93
C LYS A 45 1.98 23.43 21.33
N ASP A 46 2.86 24.39 21.00
CA ASP A 46 2.42 25.60 20.32
C ASP A 46 1.88 25.30 18.94
N TRP A 47 2.39 24.25 18.31
CA TRP A 47 2.12 23.94 16.91
C TRP A 47 0.71 23.36 16.84
N GLN A 48 -0.24 24.19 16.40
CA GLN A 48 -1.65 23.82 16.36
C GLN A 48 -2.23 24.33 15.05
N PRO A 49 -2.16 23.54 13.99
CA PRO A 49 -2.66 23.97 12.70
C PRO A 49 -4.18 23.99 12.71
N PRO A 50 -4.81 24.97 12.07
CA PRO A 50 -6.28 25.00 12.06
C PRO A 50 -6.86 24.05 11.04
N PHE A 51 -7.94 23.38 11.43
CA PHE A 51 -8.59 22.42 10.55
C PHE A 51 -9.26 23.15 9.38
N ALA A 52 -8.84 22.81 8.16
CA ALA A 52 -9.27 23.57 7.00
C ALA A 52 -10.69 23.24 6.58
N CYS A 53 -11.25 22.13 7.01
CA CYS A 53 -12.51 21.65 6.43
C CYS A 53 -13.72 22.04 7.27
N GLU A 54 -14.84 22.24 6.59
CA GLU A 54 -16.11 22.48 7.25
C GLU A 54 -16.80 21.16 7.50
N VAL A 55 -16.96 20.81 8.78
CA VAL A 55 -17.53 19.52 9.12
C VAL A 55 -19.02 19.51 8.82
N LYS A 56 -19.70 20.63 8.98
CA LYS A 56 -21.15 20.65 8.82
C LYS A 56 -21.55 20.30 7.41
N SER A 57 -20.69 20.59 6.42
CA SER A 57 -20.95 20.21 5.02
C SER A 57 -19.71 19.49 4.48
N PHE A 58 -19.56 18.23 4.87
CA PHE A 58 -18.48 17.36 4.41
C PHE A 58 -19.12 15.98 4.29
N ARG A 59 -19.48 15.62 3.08
CA ARG A 59 -20.33 14.48 2.83
C ARG A 59 -19.43 13.35 2.34
N PHE A 60 -19.47 12.21 3.04
CA PHE A 60 -18.72 11.02 2.67
C PHE A 60 -19.61 9.80 2.77
N THR A 61 -19.34 8.81 1.93
CA THR A 61 -20.11 7.57 1.90
C THR A 61 -19.48 6.57 2.84
N PRO A 62 -20.17 6.11 3.87
CA PRO A 62 -19.53 5.24 4.86
C PRO A 62 -19.45 3.81 4.37
N ARG A 63 -18.33 3.16 4.70
CA ARG A 63 -18.17 1.72 4.60
C ARG A 63 -18.46 1.12 5.98
N VAL A 64 -18.59 -0.21 6.02
CA VAL A 64 -19.15 -0.90 7.18
C VAL A 64 -18.30 -2.11 7.57
N GLN A 65 -18.34 -2.46 8.85
CA GLN A 65 -17.46 -3.48 9.42
C GLN A 65 -18.22 -4.27 10.48
N ARG A 66 -18.27 -5.60 10.29
CA ARG A 66 -18.87 -6.53 11.23
C ARG A 66 -17.72 -7.30 11.87
N LEU A 67 -17.32 -6.88 13.07
CA LEU A 67 -16.07 -7.33 13.65
C LEU A 67 -15.96 -8.85 13.70
N ASN A 68 -17.09 -9.56 13.55
CA ASN A 68 -17.06 -11.01 13.54
C ASN A 68 -16.46 -11.54 12.24
N GLU A 69 -16.98 -11.10 11.10
CA GLU A 69 -16.43 -11.50 9.81
C GLU A 69 -15.33 -10.57 9.35
N LEU A 70 -14.84 -9.73 10.25
CA LEU A 70 -13.71 -8.85 9.93
C LEU A 70 -12.45 -9.64 9.66
N GLU A 71 -12.22 -10.72 10.40
CA GLU A 71 -11.13 -11.65 10.11
C GLU A 71 -11.52 -12.50 8.90
N ALA A 72 -10.68 -12.45 7.86
CA ALA A 72 -10.93 -13.24 6.66
C ALA A 72 -10.23 -14.59 6.66
N MET A 73 -9.19 -14.77 7.48
CA MET A 73 -8.41 -16.01 7.49
C MET A 73 -8.97 -17.06 8.45
N THR A 74 -10.28 -17.09 8.62
CA THR A 74 -10.91 -18.09 9.46
C THR A 74 -10.71 -19.48 8.87
N ARG A 75 -10.64 -20.47 9.76
CA ARG A 75 -10.41 -21.84 9.35
C ARG A 75 -11.28 -22.22 8.15
N VAL A 76 -12.58 -21.92 8.22
CA VAL A 76 -13.50 -22.42 7.21
C VAL A 76 -13.18 -21.81 5.87
N ARG A 77 -13.00 -20.49 5.82
CA ARG A 77 -12.74 -19.84 4.54
C ARG A 77 -11.48 -20.40 3.91
N LEU A 78 -10.42 -20.57 4.70
CA LEU A 78 -9.17 -21.08 4.15
C LEU A 78 -9.35 -22.48 3.58
N ASP A 79 -9.90 -23.40 4.35
CA ASP A 79 -10.07 -24.75 3.83
C ASP A 79 -10.94 -24.74 2.59
N PHE A 80 -11.87 -23.80 2.49
CA PHE A 80 -12.67 -23.70 1.28
C PHE A 80 -11.80 -23.34 0.09
N LEU A 81 -11.06 -22.25 0.19
CA LEU A 81 -10.17 -21.89 -0.90
C LEU A 81 -9.17 -22.99 -1.17
N ASP A 82 -8.66 -23.64 -0.10
CA ASP A 82 -7.75 -24.76 -0.28
C ASP A 82 -8.38 -25.83 -1.18
N GLN A 83 -9.59 -26.27 -0.83
CA GLN A 83 -10.25 -27.30 -1.63
C GLN A 83 -10.59 -26.79 -3.01
N LEU A 84 -11.08 -25.55 -3.10
CA LEU A 84 -11.43 -25.02 -4.41
C LEU A 84 -10.21 -24.97 -5.34
N ALA A 85 -9.05 -24.64 -4.78
CA ALA A 85 -7.84 -24.63 -5.60
C ALA A 85 -7.51 -26.03 -6.10
N LYS A 86 -7.44 -27.00 -5.18
CA LYS A 86 -7.19 -28.39 -5.55
C LYS A 86 -8.19 -28.88 -6.58
N PHE A 87 -9.44 -28.39 -6.50
CA PHE A 87 -10.42 -28.77 -7.51
C PHE A 87 -9.99 -28.31 -8.89
N TRP A 88 -9.54 -27.08 -9.00
CA TRP A 88 -9.14 -26.56 -10.30
C TRP A 88 -7.79 -27.11 -10.76
N GLU A 89 -6.94 -27.55 -9.83
CA GLU A 89 -5.75 -28.29 -10.23
C GLU A 89 -6.12 -29.59 -10.91
N LEU A 90 -7.00 -30.36 -10.27
CA LEU A 90 -7.45 -31.62 -10.85
C LEU A 90 -7.90 -31.39 -12.29
N GLN A 91 -8.83 -30.46 -12.49
CA GLN A 91 -9.27 -30.10 -13.83
C GLN A 91 -8.14 -29.47 -14.65
N GLY A 92 -7.00 -29.18 -14.03
CA GLY A 92 -5.84 -28.68 -14.73
C GLY A 92 -5.93 -27.22 -15.15
N SER A 93 -6.41 -26.36 -14.25
CA SER A 93 -6.67 -24.99 -14.66
C SER A 93 -6.37 -23.91 -13.62
N THR A 94 -5.85 -24.23 -12.43
CA THR A 94 -5.20 -23.21 -11.61
C THR A 94 -6.06 -22.00 -11.22
N LEU A 95 -6.87 -22.16 -10.18
CA LEU A 95 -7.70 -21.08 -9.63
C LEU A 95 -7.04 -19.73 -9.78
N LYS A 96 -7.79 -18.80 -10.39
CA LYS A 96 -7.39 -17.40 -10.54
C LYS A 96 -8.47 -16.55 -9.85
N ILE A 97 -8.10 -15.94 -8.74
CA ILE A 97 -9.06 -15.20 -7.93
C ILE A 97 -9.27 -13.81 -8.52
N PRO A 98 -10.49 -13.44 -8.89
CA PRO A 98 -10.72 -12.16 -9.56
C PRO A 98 -10.71 -11.01 -8.57
N VAL A 99 -10.72 -9.79 -9.12
CA VAL A 99 -10.80 -8.59 -8.33
C VAL A 99 -12.08 -7.87 -8.70
N VAL A 100 -12.81 -7.43 -7.68
CA VAL A 100 -14.08 -6.75 -7.87
C VAL A 100 -14.08 -5.50 -7.02
N GLU A 101 -14.42 -4.37 -7.62
CA GLU A 101 -14.53 -3.09 -6.93
C GLU A 101 -13.35 -2.88 -5.98
N ARG A 102 -12.15 -2.94 -6.55
N ARG A 102 -12.14 -2.94 -6.56
CA ARG A 102 -10.87 -2.57 -5.94
CA ARG A 102 -10.88 -2.55 -5.94
C ARG A 102 -10.32 -3.63 -4.99
C ARG A 102 -10.35 -3.60 -4.95
N LYS A 103 -11.00 -4.75 -4.78
CA LYS A 103 -10.49 -5.78 -3.87
C LYS A 103 -10.99 -7.16 -4.30
N ILE A 104 -10.23 -8.19 -3.90
CA ILE A 104 -10.50 -9.58 -4.24
C ILE A 104 -11.93 -9.99 -3.93
N LEU A 105 -12.42 -10.98 -4.67
CA LEU A 105 -13.75 -11.52 -4.46
C LEU A 105 -13.73 -12.58 -3.36
N ASP A 106 -14.70 -12.46 -2.45
CA ASP A 106 -14.81 -13.38 -1.32
C ASP A 106 -15.63 -14.56 -1.83
N LEU A 107 -14.94 -15.56 -2.37
CA LEU A 107 -15.62 -16.69 -2.98
C LEU A 107 -16.34 -17.52 -1.93
N TYR A 108 -15.70 -17.74 -0.79
CA TYR A 108 -16.36 -18.51 0.26
C TYR A 108 -17.69 -17.87 0.62
N ALA A 109 -17.66 -16.58 0.97
CA ALA A 109 -18.90 -15.85 1.22
C ALA A 109 -19.84 -15.97 0.04
N LEU A 110 -19.30 -15.87 -1.17
CA LEU A 110 -20.12 -15.86 -2.36
C LEU A 110 -20.83 -17.19 -2.55
N SER A 111 -20.11 -18.30 -2.38
CA SER A 111 -20.75 -19.59 -2.57
C SER A 111 -21.71 -19.90 -1.43
N LYS A 112 -21.36 -19.49 -0.21
CA LYS A 112 -22.29 -19.67 0.90
C LYS A 112 -23.63 -19.03 0.58
N ILE A 113 -23.60 -17.77 0.14
CA ILE A 113 -24.82 -17.02 -0.09
C ILE A 113 -25.59 -17.61 -1.28
N VAL A 114 -24.91 -17.77 -2.41
CA VAL A 114 -25.54 -18.37 -3.58
C VAL A 114 -26.17 -19.71 -3.25
N ALA A 115 -25.53 -20.48 -2.38
CA ALA A 115 -26.08 -21.78 -2.02
C ALA A 115 -27.27 -21.62 -1.09
N SER A 116 -27.18 -20.67 -0.14
CA SER A 116 -28.25 -20.47 0.83
C SER A 116 -29.57 -20.12 0.16
N LYS A 117 -29.52 -19.60 -1.07
CA LYS A 117 -30.74 -19.34 -1.83
C LYS A 117 -30.77 -20.20 -3.09
N GLY A 118 -30.43 -21.48 -2.94
CA GLY A 118 -30.80 -22.50 -3.90
C GLY A 118 -29.81 -22.74 -5.02
N GLY A 119 -28.72 -22.00 -5.08
CA GLY A 119 -27.68 -22.27 -6.04
C GLY A 119 -27.76 -21.38 -7.27
N PHE A 120 -26.88 -21.69 -8.21
CA PHE A 120 -26.57 -20.79 -9.31
C PHE A 120 -27.79 -20.54 -10.19
N GLU A 121 -28.41 -21.61 -10.69
CA GLU A 121 -29.54 -21.45 -11.61
C GLU A 121 -30.78 -20.97 -10.88
N MET A 122 -31.00 -21.44 -9.65
CA MET A 122 -32.05 -20.87 -8.82
C MET A 122 -31.91 -19.36 -8.75
N VAL A 123 -30.72 -18.88 -8.36
CA VAL A 123 -30.49 -17.45 -8.18
C VAL A 123 -30.61 -16.71 -9.49
N THR A 124 -30.21 -17.35 -10.60
CA THR A 124 -30.37 -16.72 -11.90
C THR A 124 -31.85 -16.58 -12.24
N LYS A 125 -32.57 -17.70 -12.26
CA LYS A 125 -33.97 -17.68 -12.65
C LYS A 125 -34.84 -16.88 -11.69
N GLU A 126 -34.30 -16.40 -10.58
CA GLU A 126 -35.00 -15.47 -9.71
C GLU A 126 -34.37 -14.08 -9.73
N LYS A 127 -33.25 -13.91 -10.44
CA LYS A 127 -32.61 -12.60 -10.60
C LYS A 127 -32.28 -11.96 -9.25
N LYS A 128 -31.75 -12.75 -8.33
CA LYS A 128 -31.37 -12.26 -7.00
C LYS A 128 -29.88 -11.93 -6.91
N TRP A 129 -29.19 -11.85 -8.05
CA TRP A 129 -27.76 -11.56 -8.06
C TRP A 129 -27.44 -10.18 -7.53
N SER A 130 -28.38 -9.24 -7.56
CA SER A 130 -28.12 -7.93 -6.99
C SER A 130 -28.24 -7.95 -5.47
N LYS A 131 -29.21 -8.72 -4.95
CA LYS A 131 -29.27 -8.96 -3.51
C LYS A 131 -27.97 -9.57 -3.01
N VAL A 132 -27.40 -10.51 -3.76
CA VAL A 132 -26.14 -11.12 -3.37
C VAL A 132 -25.10 -10.02 -3.14
N GLY A 133 -24.80 -9.26 -4.20
CA GLY A 133 -23.82 -8.20 -4.10
C GLY A 133 -24.11 -7.21 -3.00
N SER A 134 -25.38 -7.05 -2.64
CA SER A 134 -25.72 -6.27 -1.46
C SER A 134 -25.15 -6.92 -0.21
N ARG A 135 -25.54 -8.16 0.06
CA ARG A 135 -25.08 -8.81 1.29
C ARG A 135 -23.57 -8.94 1.32
N LEU A 136 -22.93 -8.98 0.15
CA LEU A 136 -21.48 -8.97 0.07
C LEU A 136 -20.89 -7.59 0.23
N GLY A 137 -21.72 -6.60 0.54
CA GLY A 137 -21.26 -5.25 0.79
C GLY A 137 -20.94 -4.44 -0.44
N TYR A 138 -20.97 -5.04 -1.61
CA TYR A 138 -20.64 -4.29 -2.81
C TYR A 138 -21.62 -3.14 -2.97
N LEU A 139 -21.08 -1.95 -3.26
CA LEU A 139 -21.90 -0.76 -3.40
C LEU A 139 -22.78 -0.87 -4.63
N PRO A 140 -24.10 -0.80 -4.50
CA PRO A 140 -24.94 -0.74 -5.70
C PRO A 140 -24.80 0.63 -6.34
N GLY A 141 -25.35 0.77 -7.55
CA GLY A 141 -25.96 -0.27 -8.35
C GLY A 141 -25.09 -0.40 -9.59
N LYS A 142 -23.76 -0.42 -9.38
CA LYS A 142 -22.72 -0.42 -10.44
C LYS A 142 -22.78 -1.67 -11.36
N GLY A 143 -23.77 -2.56 -11.22
CA GLY A 143 -23.89 -3.72 -12.06
C GLY A 143 -23.22 -4.95 -11.50
N THR A 144 -22.61 -4.84 -10.32
CA THR A 144 -21.87 -5.96 -9.75
C THR A 144 -22.69 -7.23 -9.70
N GLY A 145 -24.01 -7.11 -9.49
CA GLY A 145 -24.89 -8.26 -9.48
C GLY A 145 -24.63 -9.22 -10.63
N SER A 146 -24.72 -8.71 -11.87
CA SER A 146 -24.51 -9.54 -13.05
C SER A 146 -23.03 -9.78 -13.33
N LEU A 147 -22.15 -9.07 -12.66
CA LEU A 147 -20.73 -9.38 -12.75
C LEU A 147 -20.38 -10.61 -11.93
N LEU A 148 -21.00 -10.77 -10.76
CA LEU A 148 -20.76 -11.94 -9.93
C LEU A 148 -21.22 -13.20 -10.65
N LYS A 149 -22.47 -13.21 -11.13
CA LYS A 149 -22.97 -14.32 -11.92
C LYS A 149 -21.93 -14.81 -12.92
N SER A 150 -21.36 -13.90 -13.70
CA SER A 150 -20.32 -14.29 -14.64
C SER A 150 -19.18 -15.00 -13.93
N HIS A 151 -18.77 -14.51 -12.77
CA HIS A 151 -17.67 -15.13 -12.06
C HIS A 151 -18.11 -16.45 -11.43
N TYR A 152 -19.23 -16.45 -10.73
CA TYR A 152 -19.72 -17.68 -10.14
C TYR A 152 -19.72 -18.78 -11.18
N GLU A 153 -20.42 -18.54 -12.30
CA GLU A 153 -20.49 -19.55 -13.35
C GLU A 153 -19.10 -20.03 -13.75
N ARG A 154 -18.14 -19.12 -13.88
CA ARG A 154 -16.83 -19.49 -14.39
C ARG A 154 -16.05 -20.32 -13.39
N ILE A 155 -16.24 -20.06 -12.09
CA ILE A 155 -15.36 -20.59 -11.06
C ILE A 155 -16.08 -21.51 -10.08
N LEU A 156 -17.27 -21.11 -9.63
CA LEU A 156 -17.96 -21.77 -8.54
C LEU A 156 -19.01 -22.78 -9.01
N TYR A 157 -19.75 -22.48 -10.08
CA TYR A 157 -20.76 -23.44 -10.53
C TYR A 157 -20.16 -24.82 -10.74
N PRO A 158 -19.03 -24.97 -11.42
CA PRO A 158 -18.45 -26.32 -11.55
C PRO A 158 -18.15 -26.94 -10.20
N TYR A 159 -17.58 -26.18 -9.28
CA TYR A 159 -17.39 -26.69 -7.93
C TYR A 159 -18.75 -26.93 -7.26
N GLU A 160 -19.71 -26.03 -7.50
CA GLU A 160 -21.04 -26.24 -6.95
C GLU A 160 -21.56 -27.61 -7.33
N LEU A 161 -21.39 -27.99 -8.60
CA LEU A 161 -21.84 -29.29 -9.09
C LEU A 161 -21.05 -30.41 -8.42
N PHE A 162 -19.73 -30.37 -8.58
CA PHE A 162 -18.84 -31.32 -7.92
C PHE A 162 -19.18 -31.46 -6.45
N GLN A 163 -19.12 -30.36 -5.70
CA GLN A 163 -19.52 -30.36 -4.29
C GLN A 163 -20.95 -30.81 -4.14
N SER A 164 -21.77 -30.52 -5.14
CA SER A 164 -23.17 -30.87 -5.12
C SER A 164 -23.15 -32.37 -5.29
N GLY A 165 -24.20 -32.95 -5.81
CA GLY A 165 -24.17 -34.39 -5.92
C GLY A 165 -23.07 -34.72 -6.89
N VAL A 166 -23.33 -35.62 -7.83
CA VAL A 166 -22.27 -35.96 -8.78
C VAL A 166 -22.19 -34.93 -9.91
N SER A 167 -23.27 -34.76 -10.66
CA SER A 167 -23.63 -33.49 -11.27
C SER A 167 -22.55 -32.86 -12.15
N LEU A 168 -21.54 -33.57 -12.67
CA LEU A 168 -20.70 -32.92 -13.69
C LEU A 168 -20.76 -33.71 -15.00
N MET A 169 -21.24 -33.02 -16.05
CA MET A 169 -21.14 -33.44 -17.44
C MET A 169 -20.80 -32.30 -18.40
N GLY A 170 -21.06 -31.05 -18.04
CA GLY A 170 -20.80 -29.91 -18.90
C GLY A 170 -21.40 -28.65 -18.30
N VAL A 171 -20.84 -27.46 -18.56
CA VAL A 171 -19.75 -27.20 -19.49
C VAL A 171 -18.57 -26.69 -18.70
N GLN A 172 -17.48 -26.32 -19.36
CA GLN A 172 -16.23 -26.04 -18.67
C GLN A 172 -15.29 -25.26 -19.58
N MET A 173 -14.28 -24.64 -18.95
CA MET A 173 -13.03 -24.21 -19.62
C MET A 173 -12.16 -23.47 -18.63
N TYR A 351 -23.84 10.58 4.35
CA TYR A 351 -23.29 10.97 5.68
C TYR A 351 -22.48 12.27 5.72
N THR A 352 -22.64 12.99 6.82
CA THR A 352 -21.92 14.22 7.09
C THR A 352 -20.96 13.95 8.22
N LEU A 353 -19.82 14.63 8.18
CA LEU A 353 -18.92 14.53 9.32
C LEU A 353 -19.65 14.88 10.59
N GLN A 354 -20.50 15.91 10.52
CA GLN A 354 -21.28 16.31 11.69
C GLN A 354 -22.20 15.19 12.13
N SER A 355 -23.10 14.77 11.23
CA SER A 355 -24.02 13.70 11.60
C SER A 355 -23.27 12.44 11.96
N PHE A 356 -22.12 12.20 11.34
CA PHE A 356 -21.35 11.01 11.68
C PHE A 356 -20.81 11.06 13.10
N GLY A 357 -20.46 12.24 13.59
CA GLY A 357 -20.07 12.34 14.97
C GLY A 357 -21.21 12.06 15.92
N GLU A 358 -22.38 12.62 15.63
CA GLU A 358 -23.56 12.31 16.43
C GLU A 358 -23.75 10.81 16.56
N MET A 359 -23.74 10.11 15.41
CA MET A 359 -23.83 8.66 15.40
C MET A 359 -22.82 8.07 16.37
N ALA A 360 -21.54 8.40 16.16
CA ALA A 360 -20.46 7.71 16.85
C ALA A 360 -20.55 7.92 18.35
N ASP A 361 -20.64 9.18 18.77
CA ASP A 361 -20.68 9.49 20.19
C ASP A 361 -21.87 8.80 20.86
N ASN A 362 -23.02 8.77 20.18
CA ASN A 362 -24.18 8.10 20.76
C ASN A 362 -23.93 6.61 20.92
N PHE A 363 -23.32 5.99 19.91
CA PHE A 363 -23.06 4.55 19.96
C PHE A 363 -22.14 4.20 21.12
N LYS A 364 -21.03 4.94 21.27
CA LYS A 364 -20.05 4.63 22.31
C LYS A 364 -20.66 4.75 23.69
N SER A 365 -21.36 5.85 23.96
CA SER A 365 -21.98 6.04 25.27
C SER A 365 -23.00 4.95 25.56
N ASP A 366 -23.89 4.66 24.60
CA ASP A 366 -24.86 3.61 24.83
C ASP A 366 -24.17 2.27 25.07
N TYR A 367 -22.97 2.09 24.53
CA TYR A 367 -22.28 0.81 24.66
C TYR A 367 -21.71 0.64 26.06
N PHE A 368 -20.94 1.61 26.53
CA PHE A 368 -20.34 1.54 27.85
C PHE A 368 -21.16 2.25 28.93
N ASN A 369 -22.27 2.86 28.57
CA ASN A 369 -23.09 3.64 29.52
C ASN A 369 -22.22 4.66 30.25
N MET A 370 -21.49 5.46 29.48
CA MET A 370 -20.64 6.50 30.03
C MET A 370 -20.55 7.62 29.00
N PRO A 371 -20.00 8.77 29.39
CA PRO A 371 -19.63 9.78 28.39
C PRO A 371 -18.41 9.35 27.59
N VAL A 372 -18.43 9.64 26.28
CA VAL A 372 -17.42 9.07 25.40
C VAL A 372 -16.02 9.41 25.88
N HIS A 373 -15.79 10.65 26.29
CA HIS A 373 -14.46 11.05 26.73
C HIS A 373 -14.09 10.50 28.11
N MET A 374 -14.88 9.57 28.66
CA MET A 374 -14.70 9.11 30.03
C MET A 374 -14.37 7.62 30.12
N VAL A 375 -14.50 6.87 29.04
CA VAL A 375 -14.15 5.44 29.08
C VAL A 375 -12.64 5.30 28.85
N PRO A 376 -11.93 4.56 29.70
CA PRO A 376 -10.47 4.52 29.58
C PRO A 376 -10.03 3.73 28.37
N THR A 377 -8.86 4.10 27.84
CA THR A 377 -8.35 3.45 26.65
C THR A 377 -8.23 1.94 26.87
N GLU A 378 -7.54 1.54 27.94
CA GLU A 378 -7.26 0.12 28.18
C GLU A 378 -8.55 -0.70 28.07
N LEU A 379 -9.67 -0.13 28.48
CA LEU A 379 -10.93 -0.85 28.52
C LEU A 379 -11.48 -1.08 27.12
N VAL A 380 -11.45 -0.06 26.27
CA VAL A 380 -11.87 -0.22 24.88
C VAL A 380 -10.97 -1.24 24.19
N GLU A 381 -9.67 -1.18 24.44
CA GLU A 381 -8.75 -2.14 23.85
C GLU A 381 -9.16 -3.57 24.20
N LYS A 382 -9.43 -3.81 25.48
CA LYS A 382 -9.84 -5.14 25.91
C LYS A 382 -11.10 -5.59 25.17
N GLU A 383 -12.10 -4.71 25.08
CA GLU A 383 -13.38 -5.11 24.50
C GLU A 383 -13.26 -5.37 23.00
N PHE A 384 -12.46 -4.56 22.31
CA PHE A 384 -12.26 -4.74 20.88
C PHE A 384 -11.83 -6.17 20.56
N TRP A 385 -10.70 -6.58 21.13
CA TRP A 385 -10.15 -7.90 20.78
C TRP A 385 -11.06 -9.03 21.24
N ARG A 386 -11.76 -8.85 22.35
CA ARG A 386 -12.89 -9.70 22.67
C ARG A 386 -13.78 -9.85 21.44
N LEU A 387 -14.34 -8.73 20.98
CA LEU A 387 -15.38 -8.77 19.96
C LEU A 387 -14.93 -9.45 18.69
N VAL A 388 -13.64 -9.45 18.39
CA VAL A 388 -13.19 -10.04 17.14
C VAL A 388 -13.47 -11.54 17.12
N SER A 389 -13.15 -12.22 18.22
CA SER A 389 -13.29 -13.66 18.28
C SER A 389 -14.61 -14.11 18.88
N SER A 390 -15.44 -13.18 19.34
CA SER A 390 -16.73 -13.55 19.89
C SER A 390 -17.71 -13.84 18.76
N ILE A 391 -18.17 -15.09 18.69
CA ILE A 391 -19.38 -15.41 17.94
C ILE A 391 -20.64 -15.19 18.79
N GLU A 392 -20.49 -15.14 20.12
CA GLU A 392 -21.63 -15.01 21.01
C GLU A 392 -22.44 -13.74 20.74
N GLU A 393 -21.89 -12.76 20.02
CA GLU A 393 -22.62 -11.53 19.75
C GLU A 393 -22.06 -10.85 18.50
N ASP A 394 -22.93 -10.13 17.81
CA ASP A 394 -22.58 -9.39 16.59
C ASP A 394 -22.54 -7.90 16.89
N VAL A 395 -21.56 -7.21 16.30
CA VAL A 395 -21.36 -5.78 16.51
C VAL A 395 -20.89 -5.12 15.21
N ILE A 396 -21.74 -4.23 14.65
CA ILE A 396 -21.48 -3.56 13.38
C ILE A 396 -20.96 -2.16 13.65
N VAL A 397 -20.11 -1.67 12.75
CA VAL A 397 -19.47 -0.38 12.94
C VAL A 397 -19.24 0.25 11.57
N GLU A 398 -19.24 1.60 11.53
CA GLU A 398 -19.08 2.34 10.29
C GLU A 398 -17.85 3.23 10.32
N TYR A 399 -17.24 3.43 9.15
CA TYR A 399 -16.05 4.26 9.05
C TYR A 399 -16.06 5.01 7.71
N GLY A 400 -14.94 5.64 7.39
CA GLY A 400 -14.76 6.26 6.09
C GLY A 400 -13.31 6.19 5.68
N ALA A 401 -13.08 5.80 4.42
CA ALA A 401 -11.74 5.68 3.89
C ALA A 401 -11.86 5.67 2.38
N ASP A 402 -10.72 5.59 1.70
CA ASP A 402 -10.68 5.80 0.27
C ASP A 402 -11.21 7.20 -0.03
N ILE A 403 -10.53 8.17 0.58
CA ILE A 403 -10.95 9.56 0.55
C ILE A 403 -9.74 10.43 0.22
N SER A 404 -9.61 10.86 -1.03
CA SER A 404 -8.45 11.65 -1.41
C SER A 404 -8.61 13.12 -1.06
N SER A 405 -7.52 13.71 -0.57
CA SER A 405 -7.41 15.16 -0.52
C SER A 405 -7.71 15.79 -1.89
N LYS A 406 -7.28 15.12 -2.96
CA LYS A 406 -7.49 15.67 -4.31
C LYS A 406 -8.95 16.04 -4.51
N ASP A 407 -9.87 15.18 -4.06
CA ASP A 407 -11.30 15.35 -4.31
C ASP A 407 -11.99 16.06 -3.15
N PHE A 408 -11.77 15.61 -1.91
CA PHE A 408 -12.48 16.13 -0.75
C PHE A 408 -11.82 17.34 -0.11
N GLY A 409 -10.54 17.53 -0.33
CA GLY A 409 -9.76 18.59 0.30
C GLY A 409 -8.96 18.06 1.46
N SER A 410 -7.80 18.66 1.67
CA SER A 410 -6.97 18.33 2.81
C SER A 410 -7.48 19.00 4.08
N GLY A 411 -7.19 18.37 5.22
CA GLY A 411 -7.45 18.94 6.52
C GLY A 411 -6.47 20.00 6.94
N PHE A 412 -5.40 20.20 6.14
CA PHE A 412 -4.38 21.22 6.33
C PHE A 412 -4.64 22.41 5.41
N PRO A 413 -4.24 23.62 5.81
CA PRO A 413 -4.22 24.74 4.86
C PRO A 413 -3.13 24.53 3.82
N VAL A 414 -3.43 24.92 2.58
CA VAL A 414 -2.39 24.87 1.54
C VAL A 414 -2.71 25.88 0.45
N LYS A 415 -1.65 26.39 -0.17
CA LYS A 415 -1.70 27.44 -1.18
C LYS A 415 -1.88 26.82 -2.54
N ASP A 416 -3.11 26.76 -3.02
CA ASP A 416 -3.37 26.23 -4.36
C ASP A 416 -4.43 27.02 -5.10
N GLY A 417 -4.73 28.23 -4.65
CA GLY A 417 -5.71 29.08 -5.31
C GLY A 417 -7.15 28.84 -4.94
N ARG A 418 -7.47 27.75 -4.27
CA ARG A 418 -8.84 27.53 -3.83
C ARG A 418 -9.31 28.60 -2.85
N ARG A 419 -8.39 29.27 -2.16
CA ARG A 419 -8.67 30.06 -0.98
C ARG A 419 -7.59 31.11 -0.81
N LYS A 420 -7.99 32.30 -0.37
CA LYS A 420 -7.07 33.15 0.33
C LYS A 420 -6.71 32.49 1.66
N ILE A 421 -5.40 32.35 1.94
CA ILE A 421 -4.93 31.76 3.19
C ILE A 421 -4.76 32.86 4.22
N LEU A 422 -5.41 32.69 5.37
CA LEU A 422 -5.30 33.68 6.41
C LEU A 422 -3.86 33.74 6.93
N PRO A 423 -3.44 34.90 7.43
CA PRO A 423 -2.07 34.97 7.97
C PRO A 423 -1.91 34.13 9.22
N GLU A 424 -2.95 34.01 10.05
CA GLU A 424 -2.92 33.03 11.13
C GLU A 424 -2.49 31.65 10.63
N GLU A 425 -2.84 31.30 9.39
CA GLU A 425 -2.58 29.99 8.83
C GLU A 425 -1.30 29.90 8.01
N GLU A 426 -0.80 31.04 7.51
CA GLU A 426 0.32 31.01 6.58
C GLU A 426 1.44 30.06 7.05
N GLU A 427 1.84 30.19 8.30
CA GLU A 427 2.82 29.30 8.91
C GLU A 427 2.57 27.82 8.54
N TYR A 428 1.38 27.33 8.85
CA TYR A 428 1.09 25.91 8.70
C TYR A 428 0.94 25.50 7.25
N ALA A 429 0.52 26.42 6.37
CA ALA A 429 0.45 26.06 4.96
C ALA A 429 1.82 25.75 4.38
N LEU A 430 2.88 26.35 4.91
CA LEU A 430 4.23 26.12 4.41
C LEU A 430 4.98 25.06 5.20
N SER A 431 4.47 24.64 6.35
CA SER A 431 5.22 23.72 7.19
C SER A 431 5.54 22.43 6.44
N GLY A 432 6.77 21.95 6.62
CA GLY A 432 7.14 20.66 6.09
C GLY A 432 6.44 19.50 6.74
N TRP A 433 5.82 19.74 7.90
CA TRP A 433 5.00 18.72 8.57
C TRP A 433 3.58 18.71 8.05
N ASN A 434 3.19 19.72 7.27
CA ASN A 434 1.96 19.66 6.49
C ASN A 434 2.09 18.54 5.46
N LEU A 435 1.26 17.51 5.59
CA LEU A 435 1.40 16.30 4.78
C LEU A 435 1.16 16.54 3.31
N ASN A 436 0.86 17.76 2.90
CA ASN A 436 0.84 18.09 1.48
C ASN A 436 2.20 18.50 0.99
N ASN A 437 3.08 18.94 1.87
CA ASN A 437 4.43 19.32 1.48
C ASN A 437 5.44 18.18 1.62
N MET A 438 5.16 17.15 2.42
CA MET A 438 6.16 16.13 2.67
C MET A 438 6.70 15.46 1.41
N PRO A 439 5.88 14.95 0.51
CA PRO A 439 6.41 14.32 -0.71
C PRO A 439 7.38 15.18 -1.53
N VAL A 440 7.31 16.50 -1.39
CA VAL A 440 8.08 17.42 -2.22
C VAL A 440 9.35 17.95 -1.55
N LEU A 441 9.57 17.64 -0.28
CA LEU A 441 10.74 18.18 0.41
C LEU A 441 12.04 17.73 -0.26
N GLU A 442 13.11 18.50 -0.04
CA GLU A 442 14.31 18.22 -0.82
C GLU A 442 14.85 16.83 -0.58
N GLN A 443 14.49 16.19 0.53
CA GLN A 443 14.98 14.86 0.85
C GLN A 443 14.02 13.75 0.45
N SER A 444 12.88 14.08 -0.13
CA SER A 444 11.93 13.07 -0.58
C SER A 444 12.28 12.64 -2.00
N VAL A 445 12.05 11.36 -2.27
CA VAL A 445 12.51 10.82 -3.55
C VAL A 445 11.70 11.43 -4.69
N LEU A 446 10.41 11.67 -4.46
CA LEU A 446 9.52 12.22 -5.49
C LEU A 446 9.60 13.74 -5.60
N ALA A 447 10.40 14.39 -4.76
CA ALA A 447 10.41 15.85 -4.65
C ALA A 447 10.62 16.60 -5.96
N HIS A 448 11.18 15.97 -6.99
CA HIS A 448 11.42 16.66 -8.25
C HIS A 448 10.94 15.88 -9.46
N ILE A 449 10.48 14.65 -9.28
CA ILE A 449 10.11 13.83 -10.43
C ILE A 449 8.65 14.17 -10.71
N ASN A 450 8.47 15.31 -11.37
CA ASN A 450 7.14 15.70 -11.83
C ASN A 450 6.90 14.85 -13.07
N VAL A 451 6.91 13.53 -12.87
CA VAL A 451 7.01 12.60 -13.98
C VAL A 451 5.97 11.50 -13.96
N ASP A 452 5.37 11.21 -12.81
CA ASP A 452 4.37 10.16 -12.71
C ASP A 452 3.50 10.41 -11.49
N ILE A 453 2.19 10.22 -11.64
CA ILE A 453 1.29 10.17 -10.51
C ILE A 453 1.52 8.85 -9.79
N SER A 454 2.20 8.89 -8.66
CA SER A 454 2.51 7.67 -7.91
C SER A 454 1.37 7.27 -6.99
N GLY A 455 0.21 7.93 -7.07
CA GLY A 455 -0.90 7.63 -6.19
C GLY A 455 -0.74 8.29 -4.84
N MET A 456 0.48 8.26 -4.28
CA MET A 456 0.80 8.95 -3.03
C MET A 456 1.91 9.98 -3.27
N LYS A 457 1.51 11.11 -3.84
CA LYS A 457 2.05 12.42 -3.49
C LYS A 457 0.97 13.23 -2.79
N VAL A 458 -0.18 12.62 -2.55
CA VAL A 458 -1.41 13.32 -2.18
C VAL A 458 -2.02 12.61 -0.98
N PRO A 459 -2.31 13.30 0.12
CA PRO A 459 -2.77 12.64 1.34
C PRO A 459 -4.14 12.01 1.18
N TRP A 460 -4.49 11.18 2.16
CA TRP A 460 -5.73 10.44 2.21
C TRP A 460 -6.37 10.66 3.57
N LEU A 461 -7.70 10.70 3.59
CA LEU A 461 -8.43 11.02 4.80
C LEU A 461 -9.13 9.79 5.35
N TYR A 462 -9.27 9.75 6.67
CA TYR A 462 -9.77 8.58 7.39
C TYR A 462 -10.63 9.06 8.54
N VAL A 463 -11.93 9.04 8.34
CA VAL A 463 -12.88 9.41 9.39
C VAL A 463 -13.20 8.16 10.17
N GLY A 464 -13.12 8.24 11.49
CA GLY A 464 -13.08 7.07 12.33
C GLY A 464 -14.12 7.11 13.43
N MET A 465 -14.38 5.93 13.97
CA MET A 465 -15.45 5.68 14.91
C MET A 465 -14.93 4.72 15.96
N CYS A 466 -15.62 4.63 17.10
CA CYS A 466 -15.21 3.66 18.09
C CYS A 466 -15.27 2.25 17.50
N PHE A 467 -14.21 1.50 17.68
CA PHE A 467 -14.00 0.12 17.23
C PHE A 467 -13.70 0.03 15.72
N SER A 468 -13.79 1.10 14.94
CA SER A 468 -13.37 1.01 13.56
C SER A 468 -11.90 0.66 13.51
N SER A 469 -11.50 -0.11 12.51
CA SER A 469 -10.20 -0.77 12.53
C SER A 469 -9.61 -0.82 11.13
N PHE A 470 -8.30 -1.00 11.07
CA PHE A 470 -7.59 -1.29 9.84
C PHE A 470 -6.70 -2.51 10.06
N CYS A 471 -6.63 -3.37 9.05
CA CYS A 471 -5.98 -4.65 9.20
C CYS A 471 -4.48 -4.54 9.02
N TRP A 472 -3.82 -5.65 9.30
CA TRP A 472 -2.38 -5.72 9.14
C TRP A 472 -1.98 -5.46 7.70
N HIS A 473 -1.04 -4.55 7.51
CA HIS A 473 -0.56 -4.29 6.17
C HIS A 473 0.79 -3.60 6.24
N ILE A 474 1.47 -3.61 5.11
CA ILE A 474 2.67 -2.82 4.89
C ILE A 474 2.35 -1.94 3.69
N GLU A 475 3.18 -0.92 3.50
CA GLU A 475 2.87 0.05 2.48
C GLU A 475 3.32 -0.48 1.12
N ASP A 476 2.60 -0.08 0.08
CA ASP A 476 3.02 -0.42 -1.27
C ASP A 476 4.47 0.01 -1.46
N HIS A 477 5.24 -0.85 -2.13
CA HIS A 477 6.68 -0.64 -2.31
C HIS A 477 7.42 -0.47 -0.98
N TRP A 478 6.85 -0.94 0.12
CA TRP A 478 7.54 -0.98 1.41
C TRP A 478 8.07 0.41 1.77
N SER A 479 7.17 1.37 1.88
CA SER A 479 7.55 2.76 2.06
C SER A 479 7.12 3.24 3.43
N TYR A 480 7.55 4.44 3.77
CA TYR A 480 7.08 5.06 4.98
C TYR A 480 5.61 5.43 4.85
N SER A 481 4.92 5.45 5.98
CA SER A 481 3.64 6.11 6.13
C SER A 481 3.78 7.12 7.24
N ILE A 482 3.14 8.26 7.12
CA ILE A 482 3.03 9.19 8.25
C ILE A 482 1.57 9.60 8.37
N ASN A 483 1.08 9.63 9.61
CA ASN A 483 -0.35 9.67 9.90
C ASN A 483 -0.59 10.71 10.98
N TYR A 484 -1.34 11.75 10.64
CA TYR A 484 -1.65 12.82 11.57
C TYR A 484 -3.08 12.67 11.99
N LEU A 485 -3.32 12.64 13.29
CA LEU A 485 -4.67 12.70 13.83
C LEU A 485 -5.03 14.17 14.02
N HIS A 486 -5.89 14.69 13.14
CA HIS A 486 -6.29 16.09 13.22
C HIS A 486 -7.00 16.38 14.54
N TRP A 487 -8.04 15.60 14.85
CA TRP A 487 -8.86 15.86 16.01
C TRP A 487 -9.61 14.60 16.36
N GLY A 488 -10.17 14.57 17.56
CA GLY A 488 -11.03 13.49 17.99
C GLY A 488 -10.42 12.67 19.10
N GLU A 489 -11.01 11.50 19.31
CA GLU A 489 -10.55 10.57 20.33
C GLU A 489 -9.42 9.71 19.77
N PRO A 490 -8.64 9.06 20.62
CA PRO A 490 -7.35 8.52 20.16
C PRO A 490 -7.52 7.36 19.20
N LYS A 491 -6.42 7.06 18.51
CA LYS A 491 -6.32 5.95 17.59
C LYS A 491 -5.27 4.99 18.13
N THR A 492 -5.64 3.73 18.28
CA THR A 492 -4.73 2.73 18.83
C THR A 492 -4.00 2.04 17.68
N TRP A 493 -2.72 1.81 17.87
CA TRP A 493 -1.88 1.24 16.82
C TRP A 493 -1.23 -0.03 17.32
N TYR A 494 -0.78 -0.85 16.38
CA TYR A 494 0.10 -1.97 16.67
C TYR A 494 1.16 -2.02 15.58
N GLY A 495 2.41 -2.24 15.98
CA GLY A 495 3.52 -2.18 15.05
C GLY A 495 4.47 -3.34 15.20
N VAL A 496 5.14 -3.64 14.11
CA VAL A 496 6.08 -4.77 14.05
C VAL A 496 7.32 -4.33 13.29
N PRO A 497 8.52 -4.45 13.86
CA PRO A 497 9.71 -3.99 13.15
C PRO A 497 9.93 -4.74 11.85
N SER A 498 10.60 -4.08 10.91
CA SER A 498 10.78 -4.65 9.59
C SER A 498 11.53 -5.97 9.66
N HIS A 499 12.54 -6.06 10.54
CA HIS A 499 13.32 -7.29 10.62
C HIS A 499 12.50 -8.49 11.06
N ALA A 500 11.31 -8.27 11.61
CA ALA A 500 10.40 -9.36 11.94
C ALA A 500 9.29 -9.51 10.92
N ALA A 501 9.48 -8.96 9.71
CA ALA A 501 8.39 -8.97 8.73
C ALA A 501 8.27 -10.34 8.09
N GLU A 502 9.39 -10.90 7.63
CA GLU A 502 9.37 -12.25 7.08
C GLU A 502 8.85 -13.24 8.12
N GLN A 503 9.24 -13.03 9.38
CA GLN A 503 8.75 -13.85 10.47
C GLN A 503 7.25 -13.70 10.66
N LEU A 504 6.74 -12.47 10.60
CA LEU A 504 5.30 -12.24 10.74
C LEU A 504 4.52 -13.00 9.68
N GLU A 505 4.86 -12.79 8.41
CA GLU A 505 4.19 -13.50 7.33
C GLU A 505 4.25 -15.01 7.53
N GLU A 506 5.39 -15.52 8.04
CA GLU A 506 5.56 -16.96 8.18
C GLU A 506 4.49 -17.57 9.09
N VAL A 507 4.05 -16.88 10.12
CA VAL A 507 3.08 -17.49 11.02
C VAL A 507 1.70 -17.46 10.39
N MET A 508 1.38 -16.40 9.66
CA MET A 508 0.12 -16.35 8.95
C MET A 508 0.03 -17.46 7.92
N ARG A 509 1.16 -17.76 7.27
CA ARG A 509 1.21 -18.77 6.24
C ARG A 509 0.98 -20.16 6.81
N GLU A 510 1.43 -20.40 8.04
CA GLU A 510 1.20 -21.66 8.74
C GLU A 510 -0.26 -22.07 8.74
N LEU A 511 -1.17 -21.13 8.53
CA LEU A 511 -2.59 -21.43 8.61
C LEU A 511 -3.13 -22.14 7.38
N ALA A 512 -2.40 -22.15 6.26
CA ALA A 512 -2.81 -22.91 5.08
C ALA A 512 -1.64 -23.06 4.12
N PRO A 513 -0.59 -23.75 4.53
CA PRO A 513 0.64 -23.77 3.72
C PRO A 513 0.40 -24.20 2.28
N GLU A 514 -0.27 -25.33 2.09
CA GLU A 514 -0.55 -25.80 0.73
C GLU A 514 -1.19 -24.69 -0.08
N LEU A 515 -2.21 -24.04 0.48
CA LEU A 515 -2.96 -23.02 -0.27
C LEU A 515 -2.04 -21.86 -0.68
N PHE A 516 -1.31 -21.30 0.28
CA PHE A 516 -0.43 -20.18 -0.05
C PHE A 516 0.70 -20.60 -0.96
N GLU A 517 1.02 -21.89 -1.07
CA GLU A 517 1.94 -22.29 -2.11
C GLU A 517 1.41 -21.90 -3.46
N SER A 518 0.20 -22.36 -3.80
CA SER A 518 -0.36 -22.09 -5.11
C SER A 518 -0.58 -20.60 -5.32
N GLN A 519 -1.00 -19.88 -4.28
CA GLN A 519 -1.43 -18.48 -4.39
C GLN A 519 -0.56 -17.59 -3.51
N PRO A 520 0.74 -17.51 -3.80
CA PRO A 520 1.64 -16.85 -2.84
C PRO A 520 1.16 -15.48 -2.39
N ASP A 521 0.68 -14.63 -3.31
CA ASP A 521 0.25 -13.29 -2.95
C ASP A 521 -1.12 -13.26 -2.28
N LEU A 522 -1.89 -14.34 -2.41
CA LEU A 522 -3.16 -14.43 -1.68
C LEU A 522 -2.96 -14.15 -0.21
N LEU A 523 -1.77 -14.44 0.30
CA LEU A 523 -1.48 -14.13 1.69
C LEU A 523 -1.79 -12.68 2.01
N HIS A 524 -1.31 -11.76 1.17
CA HIS A 524 -1.53 -10.33 1.39
C HIS A 524 -2.92 -9.88 0.99
N GLN A 525 -3.49 -10.48 -0.04
CA GLN A 525 -4.85 -10.14 -0.45
C GLN A 525 -5.84 -10.42 0.67
N LEU A 526 -5.53 -11.38 1.54
CA LEU A 526 -6.47 -11.78 2.58
C LEU A 526 -6.26 -10.92 3.82
N VAL A 527 -7.29 -10.18 4.20
CA VAL A 527 -7.19 -9.23 5.29
C VAL A 527 -7.34 -9.97 6.62
N THR A 528 -6.52 -9.59 7.59
CA THR A 528 -6.53 -10.24 8.88
C THR A 528 -6.25 -9.24 10.00
N ILE A 529 -6.87 -9.49 11.16
CA ILE A 529 -6.42 -8.87 12.39
C ILE A 529 -5.95 -9.96 13.34
N MET A 530 -4.70 -10.37 13.21
CA MET A 530 -4.21 -11.41 14.08
C MET A 530 -3.96 -10.78 15.43
N ASN A 531 -4.64 -11.28 16.44
CA ASN A 531 -4.45 -10.77 17.78
C ASN A 531 -2.95 -10.61 18.07
N PRO A 532 -2.50 -9.42 18.47
CA PRO A 532 -1.07 -9.25 18.79
C PRO A 532 -0.51 -10.29 19.73
N ASN A 533 -1.26 -10.66 20.77
CA ASN A 533 -0.84 -11.74 21.66
C ASN A 533 -0.36 -12.94 20.85
N VAL A 534 -1.12 -13.33 19.83
CA VAL A 534 -0.79 -14.52 19.05
C VAL A 534 0.56 -14.35 18.39
N LEU A 535 0.79 -13.21 17.75
CA LEU A 535 2.08 -12.97 17.14
C LEU A 535 3.18 -12.98 18.17
N MET A 536 2.91 -12.47 19.37
CA MET A 536 3.92 -12.43 20.42
C MET A 536 4.26 -13.82 20.91
N GLU A 537 3.25 -14.65 21.17
CA GLU A 537 3.50 -16.03 21.58
C GLU A 537 4.02 -16.90 20.45
N HIS A 538 4.14 -16.35 19.24
CA HIS A 538 4.91 -16.96 18.17
C HIS A 538 6.25 -16.25 17.97
N GLY A 539 6.64 -15.37 18.88
CA GLY A 539 7.95 -14.76 18.85
C GLY A 539 8.09 -13.52 18.01
N VAL A 540 6.98 -12.89 17.61
CA VAL A 540 7.02 -11.72 16.75
C VAL A 540 6.99 -10.49 17.65
N PRO A 541 7.98 -9.59 17.54
CA PRO A 541 7.90 -8.33 18.30
C PRO A 541 6.68 -7.53 17.89
N VAL A 542 5.93 -7.07 18.88
CA VAL A 542 4.76 -6.22 18.65
C VAL A 542 4.77 -5.07 19.65
N TYR A 543 4.66 -3.84 19.15
CA TYR A 543 4.57 -2.67 19.98
C TYR A 543 3.26 -1.95 19.71
N ARG A 544 2.96 -0.95 20.53
CA ARG A 544 1.65 -0.30 20.44
C ARG A 544 1.72 1.14 20.93
N THR A 545 0.73 1.92 20.52
CA THR A 545 0.58 3.25 21.10
C THR A 545 -0.85 3.74 20.93
N ASN A 546 -1.24 4.67 21.79
CA ASN A 546 -2.42 5.50 21.59
C ASN A 546 -2.00 6.80 20.90
N GLN A 547 -2.49 7.01 19.68
CA GLN A 547 -2.23 8.24 18.96
C GLN A 547 -3.30 9.25 19.34
N CYS A 548 -2.88 10.42 19.80
CA CYS A 548 -3.77 11.44 20.30
C CYS A 548 -3.77 12.62 19.36
N ALA A 549 -4.90 13.33 19.35
CA ALA A 549 -5.07 14.50 18.50
C ALA A 549 -3.84 15.40 18.54
N GLY A 550 -3.33 15.73 17.35
CA GLY A 550 -2.15 16.56 17.20
C GLY A 550 -0.84 15.81 17.21
N GLU A 551 -0.87 14.48 17.30
CA GLU A 551 0.35 13.69 17.26
C GLU A 551 0.47 12.99 15.92
N PHE A 552 1.70 12.72 15.52
CA PHE A 552 1.97 11.98 14.30
C PHE A 552 2.29 10.54 14.63
N VAL A 553 2.09 9.66 13.65
CA VAL A 553 2.61 8.31 13.71
C VAL A 553 3.40 8.06 12.46
N VAL A 554 4.60 7.54 12.60
CA VAL A 554 5.46 7.24 11.46
C VAL A 554 5.60 5.74 11.36
N THR A 555 5.66 5.24 10.15
CA THR A 555 5.72 3.83 9.82
C THR A 555 6.98 3.62 9.01
N PHE A 556 7.72 2.55 9.32
CA PHE A 556 8.99 2.39 8.64
C PHE A 556 8.92 1.27 7.61
N PRO A 557 9.78 1.29 6.61
CA PRO A 557 9.66 0.35 5.49
C PRO A 557 9.50 -1.09 5.94
N ARG A 558 8.47 -1.73 5.41
CA ARG A 558 8.13 -3.10 5.75
C ARG A 558 7.85 -3.32 7.23
N ALA A 559 7.33 -2.29 7.92
CA ALA A 559 6.80 -2.43 9.27
C ALA A 559 5.30 -2.71 9.22
N TYR A 560 4.92 -3.96 9.39
CA TYR A 560 3.49 -4.28 9.47
C TYR A 560 2.85 -3.42 10.55
N HIS A 561 1.60 -3.03 10.33
CA HIS A 561 0.88 -2.28 11.35
C HIS A 561 -0.62 -2.45 11.17
N SER A 562 -1.33 -2.25 12.26
CA SER A 562 -2.78 -2.40 12.32
C SER A 562 -3.29 -1.56 13.47
N GLY A 563 -4.61 -1.49 13.63
CA GLY A 563 -5.14 -0.77 14.77
C GLY A 563 -6.63 -0.54 14.67
N PHE A 564 -7.13 0.19 15.67
CA PHE A 564 -8.55 0.51 15.79
C PHE A 564 -8.67 1.85 16.51
N ASN A 565 -9.81 2.50 16.30
CA ASN A 565 -10.07 3.82 16.86
C ASN A 565 -10.78 3.75 18.23
N GLN A 566 -10.35 4.63 19.13
CA GLN A 566 -11.01 4.73 20.42
C GLN A 566 -12.36 5.44 20.31
N GLY A 567 -12.56 6.25 19.28
CA GLY A 567 -13.75 7.06 19.18
C GLY A 567 -13.79 7.85 17.90
N TYR A 568 -14.71 8.80 17.85
CA TYR A 568 -14.89 9.64 16.67
C TYR A 568 -13.64 10.50 16.48
N ASN A 569 -13.07 10.42 15.28
CA ASN A 569 -11.85 11.19 15.03
C ASN A 569 -11.70 11.35 13.53
N PHE A 570 -10.61 12.00 13.14
CA PHE A 570 -10.37 12.31 11.75
C PHE A 570 -8.86 12.42 11.55
N ALA A 571 -8.35 11.77 10.51
CA ALA A 571 -6.93 11.54 10.34
C ALA A 571 -6.56 11.69 8.87
N GLU A 572 -5.28 11.88 8.63
CA GLU A 572 -4.79 12.22 7.30
C GLU A 572 -3.39 11.63 7.17
N ALA A 573 -3.09 10.97 6.05
CA ALA A 573 -1.89 10.16 5.93
C ALA A 573 -1.31 10.23 4.52
N VAL A 574 0.00 10.09 4.41
CA VAL A 574 0.69 9.98 3.12
C VAL A 574 1.72 8.86 3.22
N ASN A 575 2.18 8.40 2.07
CA ASN A 575 3.44 7.65 2.00
C ASN A 575 4.55 8.60 1.62
N PHE A 576 5.79 8.18 1.87
CA PHE A 576 6.93 8.92 1.36
C PHE A 576 8.14 8.00 1.31
N CYS A 577 9.18 8.45 0.62
CA CYS A 577 10.36 7.66 0.40
C CYS A 577 11.59 8.53 0.58
N THR A 578 12.64 7.95 1.14
CA THR A 578 13.86 8.65 1.46
C THR A 578 15.05 7.89 0.90
N ALA A 579 16.22 8.56 0.90
CA ALA A 579 17.45 7.92 0.46
C ALA A 579 17.57 6.50 0.99
N ASP A 580 17.49 6.34 2.31
CA ASP A 580 17.68 5.03 2.91
C ASP A 580 16.66 4.01 2.42
N TRP A 581 15.58 4.45 1.77
CA TRP A 581 14.57 3.53 1.26
C TRP A 581 14.92 2.93 -0.10
N LEU A 582 15.64 3.68 -0.94
CA LEU A 582 15.99 3.24 -2.29
C LEU A 582 16.39 1.76 -2.38
N PRO A 583 17.30 1.26 -1.57
CA PRO A 583 17.65 -0.16 -1.69
C PRO A 583 16.55 -1.07 -1.19
N ILE A 584 15.70 -0.59 -0.27
CA ILE A 584 14.54 -1.37 0.14
C ILE A 584 13.54 -1.42 -1.01
N GLY A 585 13.30 -0.29 -1.65
CA GLY A 585 12.40 -0.29 -2.80
C GLY A 585 12.85 -1.28 -3.85
N ARG A 586 14.16 -1.36 -4.10
CA ARG A 586 14.65 -2.30 -5.10
C ARG A 586 14.41 -3.74 -4.67
N GLN A 587 14.67 -4.04 -3.39
CA GLN A 587 14.36 -5.37 -2.87
C GLN A 587 12.88 -5.68 -2.94
N CYS A 588 12.03 -4.66 -2.82
CA CYS A 588 10.60 -4.90 -2.78
C CYS A 588 10.08 -5.34 -4.14
N VAL A 589 10.62 -4.76 -5.20
CA VAL A 589 10.26 -5.18 -6.55
C VAL A 589 10.67 -6.63 -6.76
N ASN A 590 11.90 -6.97 -6.34
CA ASN A 590 12.36 -8.35 -6.44
C ASN A 590 11.37 -9.29 -5.77
N HIS A 591 10.75 -8.83 -4.69
CA HIS A 591 9.79 -9.66 -3.99
C HIS A 591 8.42 -9.65 -4.68
N TYR A 592 7.97 -8.48 -5.13
CA TYR A 592 6.75 -8.43 -5.95
C TYR A 592 6.91 -9.28 -7.20
N ARG A 593 8.11 -9.31 -7.77
CA ARG A 593 8.34 -10.12 -8.95
C ARG A 593 8.24 -11.61 -8.62
N ARG A 594 8.73 -12.01 -7.45
CA ARG A 594 8.67 -13.41 -7.07
C ARG A 594 7.29 -13.84 -6.60
N LEU A 595 6.42 -12.89 -6.25
CA LEU A 595 4.98 -13.10 -6.31
C LEU A 595 4.53 -12.78 -7.72
N ARG A 596 3.23 -12.59 -7.93
CA ARG A 596 2.76 -12.15 -9.22
C ARG A 596 2.06 -10.81 -9.05
N ARG A 597 2.72 -9.91 -8.33
CA ARG A 597 2.12 -8.69 -7.82
C ARG A 597 2.44 -7.53 -8.74
N HIS A 598 1.40 -6.77 -9.11
CA HIS A 598 1.60 -5.60 -9.94
C HIS A 598 2.50 -4.59 -9.21
N CYS A 599 2.98 -3.62 -9.96
CA CYS A 599 3.83 -2.57 -9.42
C CYS A 599 3.20 -1.21 -9.66
N VAL A 600 3.07 -0.39 -8.61
CA VAL A 600 2.47 0.92 -8.79
C VAL A 600 3.36 1.84 -9.64
N PHE A 601 4.66 1.53 -9.72
CA PHE A 601 5.58 2.30 -10.56
C PHE A 601 6.86 1.49 -10.74
N SER A 602 7.70 1.97 -11.65
CA SER A 602 8.93 1.27 -12.03
C SER A 602 10.10 1.85 -11.23
N HIS A 603 10.58 1.08 -10.25
CA HIS A 603 11.69 1.53 -9.44
C HIS A 603 12.86 1.99 -10.30
N GLU A 604 13.23 1.19 -11.31
CA GLU A 604 14.40 1.54 -12.09
C GLU A 604 14.18 2.87 -12.81
N GLU A 605 12.98 3.09 -13.34
CA GLU A 605 12.65 4.38 -13.97
C GLU A 605 12.84 5.52 -12.99
N LEU A 606 12.39 5.32 -11.74
CA LEU A 606 12.52 6.34 -10.73
C LEU A 606 13.98 6.73 -10.53
N ILE A 607 14.87 5.75 -10.49
CA ILE A 607 16.27 6.04 -10.23
C ILE A 607 16.88 6.84 -11.38
N PHE A 608 16.51 6.51 -12.61
CA PHE A 608 17.04 7.28 -13.73
C PHE A 608 16.45 8.68 -13.77
N LYS A 609 15.16 8.83 -13.51
CA LYS A 609 14.58 10.17 -13.48
C LYS A 609 15.31 11.06 -12.47
N MET A 610 15.79 10.47 -11.36
CA MET A 610 16.59 11.22 -10.41
C MET A 610 17.99 11.46 -10.95
N ALA A 611 18.57 10.44 -11.56
CA ALA A 611 19.91 10.59 -12.12
C ALA A 611 19.94 11.64 -13.22
N ALA A 612 18.80 11.88 -13.88
CA ALA A 612 18.70 12.84 -14.98
C ALA A 612 18.46 14.26 -14.50
N ASP A 613 18.86 14.58 -13.28
CA ASP A 613 18.82 15.95 -12.78
C ASP A 613 19.74 16.03 -11.57
N PRO A 614 21.05 15.77 -11.74
CA PRO A 614 21.91 15.60 -10.56
C PRO A 614 22.00 16.82 -9.67
N GLU A 615 22.15 18.02 -10.23
CA GLU A 615 22.11 19.20 -9.41
C GLU A 615 20.74 19.29 -8.72
N CYS A 616 20.66 20.17 -7.73
CA CYS A 616 19.42 20.38 -6.96
C CYS A 616 18.82 19.05 -6.50
N LEU A 617 19.66 18.04 -6.33
CA LEU A 617 19.26 16.73 -5.83
C LEU A 617 20.03 16.47 -4.54
N ASP A 618 19.31 16.35 -3.43
CA ASP A 618 19.93 16.17 -2.13
C ASP A 618 21.13 15.24 -2.22
N VAL A 619 22.22 15.63 -1.56
CA VAL A 619 23.49 14.94 -1.71
C VAL A 619 23.38 13.48 -1.26
N GLY A 620 22.64 13.24 -0.18
CA GLY A 620 22.47 11.86 0.28
C GLY A 620 21.95 10.95 -0.82
N LEU A 621 20.82 11.33 -1.43
CA LEU A 621 20.26 10.57 -2.53
C LEU A 621 21.33 10.28 -3.57
N ALA A 622 21.97 11.34 -4.06
CA ALA A 622 23.02 11.18 -5.06
C ALA A 622 23.96 10.05 -4.69
N ALA A 623 24.48 10.10 -3.46
CA ALA A 623 25.41 9.06 -3.01
C ALA A 623 24.75 7.69 -3.11
N MET A 624 23.53 7.59 -2.58
CA MET A 624 22.81 6.32 -2.58
C MET A 624 22.48 5.88 -4.00
N VAL A 625 22.02 6.80 -4.83
CA VAL A 625 21.74 6.49 -6.24
C VAL A 625 22.94 5.78 -6.86
N CYS A 626 24.11 6.42 -6.82
CA CYS A 626 25.31 5.78 -7.37
C CYS A 626 25.43 4.34 -6.88
N LYS A 627 25.46 4.15 -5.57
CA LYS A 627 25.52 2.80 -5.01
C LYS A 627 24.46 1.91 -5.66
N GLU A 628 23.24 2.43 -5.76
CA GLU A 628 22.12 1.64 -6.25
C GLU A 628 22.12 1.49 -7.77
N LEU A 629 22.60 2.51 -8.47
CA LEU A 629 22.55 2.47 -9.92
C LEU A 629 23.64 1.57 -10.49
N THR A 630 24.85 1.62 -9.91
CA THR A 630 25.88 0.68 -10.33
C THR A 630 25.41 -0.76 -10.17
N LEU A 631 24.77 -1.08 -9.04
CA LEU A 631 24.27 -2.43 -8.82
C LEU A 631 23.31 -2.87 -9.92
N MET A 632 22.59 -1.92 -10.53
CA MET A 632 21.63 -2.26 -11.56
C MET A 632 22.29 -2.37 -12.92
N THR A 633 23.17 -1.42 -13.28
CA THR A 633 23.96 -1.57 -14.49
C THR A 633 24.56 -2.97 -14.58
N GLU A 634 25.18 -3.43 -13.49
CA GLU A 634 25.68 -4.81 -13.44
C GLU A 634 24.56 -5.79 -13.73
N GLU A 635 23.55 -5.84 -12.86
CA GLU A 635 22.52 -6.87 -12.99
C GLU A 635 21.86 -6.82 -14.35
N GLU A 636 21.74 -5.64 -14.94
CA GLU A 636 21.13 -5.52 -16.27
C GLU A 636 22.05 -6.14 -17.33
N THR A 637 23.29 -5.65 -17.42
CA THR A 637 24.23 -6.16 -18.41
C THR A 637 24.35 -7.67 -18.34
N ARG A 638 24.34 -8.23 -17.13
CA ARG A 638 24.25 -9.67 -16.99
C ARG A 638 23.00 -10.20 -17.70
N LEU A 639 21.84 -9.65 -17.37
CA LEU A 639 20.61 -10.02 -18.06
C LEU A 639 20.71 -9.71 -19.56
N ARG A 640 21.38 -8.61 -19.91
CA ARG A 640 21.48 -8.25 -21.32
C ARG A 640 22.35 -9.24 -22.09
N GLU A 641 23.45 -9.69 -21.49
CA GLU A 641 24.32 -10.65 -22.16
C GLU A 641 23.75 -12.06 -22.13
N SER A 642 23.00 -12.41 -21.09
CA SER A 642 22.46 -13.77 -21.00
C SER A 642 21.45 -14.05 -22.11
N VAL A 643 20.81 -13.02 -22.66
CA VAL A 643 19.72 -13.25 -23.61
C VAL A 643 20.24 -13.47 -25.02
N VAL A 644 21.48 -13.06 -25.34
CA VAL A 644 21.99 -13.25 -26.68
C VAL A 644 22.37 -14.71 -26.92
N GLN A 645 22.90 -15.38 -25.89
CA GLN A 645 23.10 -16.82 -25.99
C GLN A 645 21.81 -17.53 -26.38
N MET A 646 20.69 -17.09 -25.82
CA MET A 646 19.41 -17.74 -26.10
C MET A 646 19.00 -17.62 -27.57
N GLY A 647 19.61 -16.71 -28.31
CA GLY A 647 19.43 -16.67 -29.75
C GLY A 647 18.49 -15.60 -30.27
N VAL A 648 18.54 -14.41 -29.68
CA VAL A 648 17.82 -13.26 -30.22
C VAL A 648 18.85 -12.39 -30.94
N LEU A 649 18.41 -11.71 -31.99
CA LEU A 649 19.32 -10.96 -32.84
C LEU A 649 19.04 -9.46 -32.85
N MET A 650 17.84 -9.03 -33.25
CA MET A 650 17.59 -7.62 -33.42
C MET A 650 17.41 -6.94 -32.07
N SER A 651 17.74 -5.65 -32.02
CA SER A 651 17.64 -4.83 -30.82
C SER A 651 16.97 -3.53 -31.20
N GLU A 652 15.64 -3.50 -31.07
CA GLU A 652 14.94 -2.23 -31.12
C GLU A 652 15.17 -1.44 -29.81
N GLU A 653 14.77 -0.18 -29.83
CA GLU A 653 14.99 0.73 -28.71
C GLU A 653 13.70 1.49 -28.45
N GLU A 654 13.15 1.35 -27.25
CA GLU A 654 11.85 1.90 -26.93
C GLU A 654 11.94 2.81 -25.71
N VAL A 655 11.02 3.77 -25.64
CA VAL A 655 10.91 4.70 -24.52
C VAL A 655 9.77 4.22 -23.65
N PHE A 656 10.08 3.38 -22.66
CA PHE A 656 9.02 2.69 -21.94
C PHE A 656 8.17 3.66 -21.14
N GLU A 657 8.78 4.67 -20.52
CA GLU A 657 8.04 5.57 -19.63
C GLU A 657 6.84 6.18 -20.32
N LEU A 658 6.90 6.33 -21.65
CA LEU A 658 5.83 6.97 -22.40
C LEU A 658 4.74 5.99 -22.83
N VAL A 659 4.91 4.71 -22.56
CA VAL A 659 3.85 3.73 -22.82
C VAL A 659 3.16 3.43 -21.49
N PRO A 660 1.84 3.29 -21.47
CA PRO A 660 1.15 3.08 -20.18
C PRO A 660 1.63 1.84 -19.47
N ASP A 661 1.69 1.93 -18.13
CA ASP A 661 2.13 0.82 -17.30
C ASP A 661 1.57 -0.51 -17.79
N ASP A 662 0.24 -0.63 -17.86
CA ASP A 662 -0.39 -1.93 -18.11
C ASP A 662 0.08 -2.58 -19.41
N GLU A 663 0.70 -1.83 -20.31
CA GLU A 663 1.19 -2.43 -21.54
C GLU A 663 2.64 -2.88 -21.44
N ARG A 664 3.46 -2.18 -20.66
CA ARG A 664 4.87 -2.54 -20.47
C ARG A 664 5.08 -3.52 -19.31
N GLN A 665 4.02 -4.16 -18.82
CA GLN A 665 4.22 -5.18 -17.80
C GLN A 665 4.71 -6.47 -18.44
N CYS A 666 5.08 -7.43 -17.60
CA CYS A 666 5.61 -8.69 -18.07
C CYS A 666 4.49 -9.71 -18.15
N SER A 667 4.51 -10.52 -19.21
CA SER A 667 3.52 -11.57 -19.39
C SER A 667 3.25 -12.32 -18.10
N ALA A 668 4.31 -12.88 -17.50
CA ALA A 668 4.21 -13.55 -16.20
C ALA A 668 5.34 -13.08 -15.28
N CYS A 669 5.18 -11.91 -14.66
CA CYS A 669 6.08 -11.55 -13.55
C CYS A 669 5.39 -10.96 -12.34
N ARG A 670 4.52 -9.96 -12.46
CA ARG A 670 4.26 -9.13 -13.65
C ARG A 670 4.81 -7.72 -13.45
N THR A 671 6.08 -7.51 -13.76
CA THR A 671 6.81 -6.31 -13.37
C THR A 671 6.74 -5.28 -14.47
N THR A 672 6.60 -4.02 -14.08
CA THR A 672 6.68 -2.91 -15.02
C THR A 672 8.11 -2.82 -15.55
N CYS A 673 8.29 -3.12 -16.83
CA CYS A 673 9.60 -3.05 -17.46
C CYS A 673 9.95 -1.61 -17.82
N PHE A 674 11.20 -1.22 -17.57
CA PHE A 674 11.68 0.06 -18.09
C PHE A 674 13.03 -0.03 -18.77
N LEU A 675 13.96 -0.83 -18.24
CA LEU A 675 15.31 -0.86 -18.79
C LEU A 675 15.36 -1.68 -20.06
N SER A 676 14.66 -2.81 -20.07
CA SER A 676 14.79 -3.77 -21.15
C SER A 676 13.69 -4.80 -20.99
N ALA A 677 13.24 -5.32 -22.12
CA ALA A 677 12.25 -6.39 -22.15
C ALA A 677 12.39 -7.11 -23.48
N LEU A 678 11.63 -8.18 -23.64
CA LEU A 678 11.72 -9.02 -24.82
C LEU A 678 10.37 -9.10 -25.53
N THR A 679 10.38 -8.84 -26.84
CA THR A 679 9.19 -8.96 -27.68
C THR A 679 9.46 -9.95 -28.80
N CYS A 680 8.40 -10.56 -29.30
CA CYS A 680 8.47 -11.32 -30.54
C CYS A 680 7.27 -10.97 -31.39
N SER A 681 7.20 -11.56 -32.59
CA SER A 681 6.21 -11.19 -33.58
C SER A 681 4.90 -11.96 -33.45
N CYS A 682 4.83 -12.96 -32.57
CA CYS A 682 3.56 -13.64 -32.31
C CYS A 682 2.47 -12.64 -31.97
N ASN A 683 2.73 -11.76 -31.01
CA ASN A 683 1.76 -10.76 -30.59
C ASN A 683 2.28 -9.37 -30.88
N PRO A 684 1.44 -8.47 -31.39
CA PRO A 684 1.92 -7.10 -31.63
C PRO A 684 2.50 -6.45 -30.38
N GLU A 685 1.80 -6.60 -29.25
CA GLU A 685 2.28 -6.05 -27.98
C GLU A 685 1.90 -7.03 -26.86
N ARG A 686 2.83 -7.94 -26.57
CA ARG A 686 2.72 -8.82 -25.40
C ARG A 686 4.14 -9.08 -24.94
N LEU A 687 4.43 -8.66 -23.71
CA LEU A 687 5.78 -8.42 -23.28
C LEU A 687 6.22 -9.42 -22.21
N VAL A 688 7.52 -9.42 -21.93
CA VAL A 688 8.08 -10.20 -20.85
C VAL A 688 9.36 -9.52 -20.38
N CYS A 689 9.56 -9.50 -19.06
CA CYS A 689 10.80 -8.96 -18.50
C CYS A 689 11.96 -9.93 -18.76
N LEU A 690 13.19 -9.41 -18.64
CA LEU A 690 14.36 -10.21 -18.98
C LEU A 690 14.69 -11.27 -17.94
N TYR A 691 14.03 -11.27 -16.79
CA TYR A 691 14.19 -12.38 -15.85
C TYR A 691 13.40 -13.60 -16.30
N HIS A 692 12.45 -13.45 -17.23
CA HIS A 692 11.59 -14.53 -17.68
C HIS A 692 11.52 -14.55 -19.19
N PRO A 693 12.66 -14.72 -19.86
CA PRO A 693 12.66 -14.62 -21.33
C PRO A 693 12.08 -15.83 -22.04
N THR A 694 11.81 -16.92 -21.33
CA THR A 694 11.29 -18.11 -22.00
C THR A 694 9.76 -18.07 -22.10
N ASP A 695 9.10 -17.34 -21.22
CA ASP A 695 7.65 -17.35 -21.11
C ASP A 695 6.96 -16.36 -22.03
N LEU A 696 7.69 -15.73 -22.95
CA LEU A 696 7.04 -14.87 -23.94
C LEU A 696 6.14 -15.70 -24.85
N CYS A 697 6.75 -16.63 -25.61
CA CYS A 697 6.02 -17.33 -26.66
C CYS A 697 6.85 -18.50 -27.20
N PRO A 698 6.22 -19.65 -27.48
CA PRO A 698 6.99 -20.82 -27.96
C PRO A 698 7.85 -20.55 -29.19
N CYS A 699 7.44 -19.63 -30.05
CA CYS A 699 8.24 -19.20 -31.18
C CYS A 699 9.70 -19.15 -30.75
N PRO A 700 10.59 -19.90 -31.39
CA PRO A 700 11.97 -19.96 -30.91
C PRO A 700 12.60 -18.58 -30.88
N MET A 701 13.67 -18.47 -30.09
CA MET A 701 14.44 -17.24 -30.02
C MET A 701 14.97 -16.81 -31.37
N GLN A 702 14.92 -17.69 -32.38
CA GLN A 702 15.62 -17.46 -33.64
C GLN A 702 15.61 -15.99 -34.03
N LYS A 703 14.42 -15.38 -34.04
CA LYS A 703 14.30 -13.97 -34.34
C LYS A 703 14.21 -13.15 -33.07
N LYS A 704 14.09 -11.84 -33.25
CA LYS A 704 14.16 -10.85 -32.18
C LYS A 704 13.05 -11.09 -31.15
N CYS A 705 12.94 -10.26 -30.11
CA CYS A 705 13.48 -8.89 -30.05
C CYS A 705 13.73 -8.38 -28.64
N LEU A 706 14.95 -7.93 -28.40
CA LEU A 706 15.29 -7.22 -27.16
C LEU A 706 15.01 -5.74 -27.37
N ARG A 707 13.84 -5.30 -26.96
CA ARG A 707 13.54 -3.88 -26.90
C ARG A 707 14.25 -3.31 -25.67
N TYR A 708 15.24 -2.44 -25.89
CA TYR A 708 15.98 -1.84 -24.80
C TYR A 708 15.63 -0.36 -24.70
N ARG A 709 16.25 0.31 -23.74
CA ARG A 709 16.01 1.73 -23.48
C ARG A 709 17.25 2.58 -23.63
N TYR A 710 18.41 2.14 -23.12
CA TYR A 710 19.69 2.79 -23.34
C TYR A 710 20.69 1.74 -23.85
N PRO A 711 21.61 2.14 -24.76
CA PRO A 711 22.51 1.20 -25.43
C PRO A 711 23.83 0.98 -24.72
N LEU A 712 23.78 0.82 -23.40
CA LEU A 712 24.98 0.69 -22.59
C LEU A 712 26.00 1.79 -22.93
N GLU A 713 25.51 2.94 -23.38
CA GLU A 713 26.28 4.18 -23.35
C GLU A 713 25.81 5.08 -22.22
N ASP A 714 24.97 4.54 -21.32
CA ASP A 714 24.51 5.25 -20.14
C ASP A 714 25.53 5.17 -19.02
N LEU A 715 26.15 4.01 -18.86
CA LEU A 715 27.16 3.80 -17.82
C LEU A 715 28.05 5.00 -17.60
N PRO A 716 28.69 5.57 -18.62
CA PRO A 716 29.45 6.80 -18.39
C PRO A 716 28.54 7.95 -18.01
N SER A 717 27.55 8.23 -18.85
CA SER A 717 26.81 9.48 -18.75
C SER A 717 26.17 9.65 -17.38
N LEU A 718 25.25 8.75 -17.01
CA LEU A 718 24.39 9.02 -15.87
C LEU A 718 25.11 8.81 -14.55
N LEU A 719 25.91 7.75 -14.42
CA LEU A 719 26.76 7.62 -13.24
C LEU A 719 27.66 8.83 -13.06
N TYR A 720 27.92 9.60 -14.12
CA TYR A 720 28.77 10.78 -14.01
C TYR A 720 28.03 11.90 -13.28
N GLY A 721 26.93 12.38 -13.88
CA GLY A 721 26.21 13.49 -13.28
C GLY A 721 25.94 13.31 -11.81
N VAL A 722 25.68 12.06 -11.38
CA VAL A 722 25.42 11.78 -9.98
C VAL A 722 26.73 11.64 -9.21
N LYS A 723 27.65 10.82 -9.71
CA LYS A 723 28.97 10.75 -9.08
C LYS A 723 29.60 12.14 -8.98
N VAL A 724 29.22 13.06 -9.87
CA VAL A 724 29.67 14.45 -9.76
C VAL A 724 29.19 15.05 -8.46
N ARG A 725 27.87 15.16 -8.30
CA ARG A 725 27.32 15.75 -7.09
C ARG A 725 27.54 14.84 -5.88
N ALA A 726 27.88 13.58 -6.11
CA ALA A 726 28.23 12.70 -4.99
C ALA A 726 29.65 12.98 -4.50
N GLN A 727 30.61 13.11 -5.41
CA GLN A 727 32.00 13.33 -5.04
C GLN A 727 32.41 14.79 -5.08
N SER A 728 31.49 15.71 -5.40
CA SER A 728 31.73 17.13 -5.18
C SER A 728 31.57 17.49 -3.71
N TYR A 729 30.59 16.87 -3.04
CA TYR A 729 30.42 17.09 -1.61
C TYR A 729 31.49 16.39 -0.80
N ASP A 730 31.95 15.22 -1.27
CA ASP A 730 33.02 14.51 -0.57
C ASP A 730 34.27 15.38 -0.44
N THR A 731 34.66 16.03 -1.54
CA THR A 731 35.85 16.86 -1.50
C THR A 731 35.59 18.17 -0.77
N TRP A 732 34.48 18.83 -1.10
CA TRP A 732 34.18 20.15 -0.53
C TRP A 732 34.38 20.17 0.98
N VAL A 733 33.97 19.09 1.67
CA VAL A 733 34.14 19.04 3.12
C VAL A 733 35.62 18.90 3.48
N SER A 734 36.32 18.00 2.81
CA SER A 734 37.73 17.75 3.11
C SER A 734 38.57 19.00 2.88
N VAL A 755 34.30 31.76 0.15
CA VAL A 755 33.87 31.20 -1.12
C VAL A 755 33.44 29.75 -0.95
N MET A 756 34.04 29.07 0.03
CA MET A 756 33.62 27.71 0.33
C MET A 756 32.22 27.68 0.89
N LEU A 757 31.93 28.56 1.85
CA LEU A 757 30.56 28.71 2.33
C LEU A 757 29.63 29.27 1.27
N GLU A 758 30.18 29.71 0.13
CA GLU A 758 29.34 30.15 -0.98
C GLU A 758 28.91 28.99 -1.86
N ASP A 759 29.87 28.14 -2.27
CA ASP A 759 29.54 27.02 -3.15
C ASP A 759 28.50 26.11 -2.53
N ALA A 760 28.40 26.08 -1.20
CA ALA A 760 27.34 25.32 -0.56
C ALA A 760 25.98 25.98 -0.74
N GLU A 761 25.95 27.31 -0.79
CA GLU A 761 24.71 28.02 -1.02
C GLU A 761 24.27 27.87 -2.48
N ASP A 762 25.23 27.87 -3.41
CA ASP A 762 24.90 27.71 -4.82
C ASP A 762 24.43 26.28 -5.10
N ARG A 763 25.19 25.29 -4.66
CA ARG A 763 24.87 23.89 -4.90
C ARG A 763 23.78 23.36 -3.98
N LYS A 764 23.22 24.20 -3.11
CA LYS A 764 22.12 23.81 -2.21
C LYS A 764 22.52 22.66 -1.30
N TYR A 765 23.66 22.82 -0.63
CA TYR A 765 24.12 21.82 0.31
C TYR A 765 23.36 21.90 1.63
N PRO A 766 23.44 20.88 2.47
CA PRO A 766 22.86 20.93 3.82
C PRO A 766 23.85 21.47 4.83
N GLU A 767 23.34 21.81 6.02
CA GLU A 767 24.02 22.81 6.83
C GLU A 767 23.96 22.56 8.35
N ASN A 768 23.95 21.31 8.82
CA ASN A 768 23.64 21.10 10.24
C ASN A 768 24.81 21.39 11.17
N ASP A 769 25.86 20.57 11.11
CA ASP A 769 27.06 20.77 11.93
C ASP A 769 28.14 21.49 11.15
N LEU A 770 28.06 21.44 9.82
CA LEU A 770 29.11 21.95 8.95
C LEU A 770 28.94 23.45 8.72
N PHE A 771 27.71 23.87 8.38
CA PHE A 771 27.41 25.30 8.28
C PHE A 771 27.44 25.98 9.64
N ARG A 772 27.15 25.23 10.71
CA ARG A 772 27.23 25.80 12.06
C ARG A 772 28.63 26.34 12.32
N LYS A 773 29.65 25.50 12.07
CA LYS A 773 31.04 25.95 12.21
C LYS A 773 31.36 27.16 11.33
N LEU A 774 30.54 27.43 10.31
CA LEU A 774 30.73 28.63 9.49
C LEU A 774 30.48 29.89 10.31
N ARG A 775 29.27 30.02 10.86
CA ARG A 775 28.91 31.17 11.71
C ARG A 775 29.47 30.99 13.12
N UNK B 1 -15.86 -14.22 -21.05
CA UNK B 1 -16.83 -13.14 -20.88
C UNK B 1 -16.14 -11.85 -20.40
N UNK B 2 -14.86 -11.69 -20.74
CA UNK B 2 -14.07 -10.57 -20.26
C UNK B 2 -14.37 -9.26 -21.03
N UNK B 3 -15.60 -9.09 -21.48
CA UNK B 3 -16.01 -7.86 -22.17
C UNK B 3 -17.40 -7.45 -21.67
N UNK B 4 -17.49 -6.27 -21.08
CA UNK B 4 -18.67 -5.84 -20.34
C UNK B 4 -19.93 -5.87 -21.21
N UNK B 5 -19.76 -5.79 -22.54
CA UNK B 5 -20.89 -5.97 -23.45
C UNK B 5 -21.50 -7.35 -23.20
N UNK B 6 -20.68 -8.25 -22.66
CA UNK B 6 -21.13 -9.61 -22.38
C UNK B 6 -21.37 -9.79 -20.87
N UNK B 7 -20.40 -9.40 -20.05
CA UNK B 7 -20.50 -9.61 -18.60
C UNK B 7 -21.79 -8.99 -18.07
N UNK B 8 -22.36 -8.06 -18.83
CA UNK B 8 -23.58 -7.37 -18.45
C UNK B 8 -24.67 -7.67 -19.47
N UNK B 9 -24.59 -8.84 -20.11
CA UNK B 9 -25.50 -9.19 -21.20
C UNK B 9 -26.55 -10.25 -20.83
N UNK B 10 -26.31 -10.96 -19.73
CA UNK B 10 -27.11 -12.12 -19.30
C UNK B 10 -28.26 -12.51 -20.25
NI NI C . -0.39 1.91 6.58
ZN ZN D . 9.15 -10.93 -15.76
ZN ZN E . 6.04 -15.23 -31.15
C4 90S F . -1.70 4.80 4.14
C14 90S F . -4.48 4.28 10.46
C5 90S F . -2.67 4.71 5.15
C6 90S F . -2.08 3.93 6.14
C10 90S F . -2.60 3.43 7.42
C13 90S F . -3.87 3.25 9.51
C3 90S F . -0.69 6.63 2.74
C1 90S F . -3.10 6.20 2.60
C15 90S F . -5.31 5.07 9.44
C16 90S F . -4.32 5.20 8.26
C18 90S F . -6.84 3.58 8.00
C19 90S F . -8.09 3.06 8.11
C2 90S F . -1.75 5.53 2.81
C20 90S F . -8.56 3.47 9.35
N12 90S F . -3.52 3.96 8.28
N17 90S F . -6.54 4.30 9.13
N21 90S F . -7.65 4.20 9.96
N7 90S F . -0.85 3.58 5.66
N9 90S F . -0.66 4.11 4.52
O11 90S F . -2.11 2.38 7.78
BR2 90S F . -9.02 1.96 6.90
H8 90S F . -0.21 3.03 6.13
S SO4 G . -7.51 3.68 1.94
O1 SO4 G . -6.65 3.15 2.98
O2 SO4 G . -6.69 4.04 0.78
O3 SO4 G . -8.22 4.87 2.40
O4 SO4 G . -8.49 2.65 1.60
#